data_7KC8
#
_entry.id   7KC8
#
_cell.length_a   72.940
_cell.length_b   73.050
_cell.length_c   106.960
_cell.angle_alpha   90.000
_cell.angle_beta   90.000
_cell.angle_gamma   90.000
#
_symmetry.space_group_name_H-M   'P 21 21 21'
#
loop_
_entity.id
_entity.type
_entity.pdbx_description
1 polymer '16.4 kDa salivary peptide'
2 non-polymer 'ACETIC ACID'
3 water water
#
_entity_poly.entity_id   1
_entity_poly.type   'polypeptide(L)'
_entity_poly.pdbx_seq_one_letter_code
;MDVPTGCVTLKFVNNAKHINMWDKTVLHYRKLYGGDEKEEWVIEKSGNDYKIRPRIYTEYLYAESKTDDPGRAVKTLKEG
TTDANVWKVEQKMALYWISNVKYQECLVISGSDHVVTKKMDSCGDDLWEIQPVSNCLIVGKKN
;
_entity_poly.pdbx_strand_id   A,B,C,D
#
# COMPACT_ATOMS: atom_id res chain seq x y z
N ASP A 2 10.16 -10.22 -6.28
CA ASP A 2 8.85 -10.49 -5.69
C ASP A 2 8.99 -10.69 -4.17
N VAL A 3 8.63 -11.89 -3.69
CA VAL A 3 8.82 -12.15 -2.25
C VAL A 3 10.31 -12.23 -1.95
N PRO A 4 10.79 -11.60 -0.88
CA PRO A 4 12.20 -11.74 -0.53
C PRO A 4 12.48 -13.13 0.02
N THR A 5 13.59 -13.72 -0.40
CA THR A 5 14.05 -14.95 0.21
C THR A 5 15.22 -14.65 1.13
N GLY A 6 15.51 -15.60 2.02
CA GLY A 6 16.54 -15.36 3.01
C GLY A 6 15.96 -14.86 4.32
N CYS A 7 16.74 -14.09 5.07
CA CYS A 7 16.36 -13.67 6.40
C CYS A 7 15.38 -12.51 6.37
N VAL A 8 14.26 -12.67 7.06
CA VAL A 8 13.21 -11.67 7.11
C VAL A 8 12.68 -11.58 8.53
N THR A 9 11.88 -10.55 8.75
CA THR A 9 11.02 -10.45 9.94
C THR A 9 9.59 -10.63 9.42
N LEU A 10 8.73 -11.24 10.20
CA LEU A 10 7.33 -11.51 9.81
C LEU A 10 6.42 -10.71 10.74
N LYS A 11 5.86 -9.61 10.25
CA LYS A 11 5.01 -8.73 11.06
C LYS A 11 3.60 -8.62 10.47
N PHE A 12 2.60 -9.01 11.25
CA PHE A 12 1.19 -8.89 10.85
C PHE A 12 0.83 -7.40 10.98
N VAL A 13 0.43 -6.81 9.88
CA VAL A 13 0.11 -5.37 9.76
C VAL A 13 -0.99 -4.94 10.72
N ASN A 14 -2.10 -5.64 10.74
CA ASN A 14 -3.25 -5.15 11.51
C ASN A 14 -2.99 -5.14 13.01
N ASN A 15 -2.07 -5.99 13.49
CA ASN A 15 -1.77 -6.19 14.91
C ASN A 15 -0.44 -5.61 15.35
N ALA A 16 0.48 -5.35 14.42
CA ALA A 16 1.86 -5.01 14.73
C ALA A 16 2.57 -6.13 15.50
N LYS A 17 2.18 -7.37 15.25
CA LYS A 17 2.74 -8.53 15.95
C LYS A 17 3.65 -9.32 15.02
N HIS A 18 4.81 -9.66 15.54
CA HIS A 18 5.73 -10.57 14.82
C HIS A 18 5.44 -11.98 15.27
N ILE A 19 5.76 -12.96 14.45
CA ILE A 19 5.67 -14.36 14.85
C ILE A 19 6.84 -14.66 15.78
N ASN A 20 6.54 -14.94 17.05
CA ASN A 20 7.54 -15.38 18.00
C ASN A 20 7.34 -16.87 18.29
N MET A 21 8.38 -17.49 18.84
CA MET A 21 8.34 -18.94 19.13
C MET A 21 8.77 -19.20 20.58
N TRP A 22 8.42 -20.36 21.08
CA TRP A 22 8.81 -20.78 22.42
C TRP A 22 10.32 -21.04 22.47
N ASP A 23 10.91 -20.91 23.65
CA ASP A 23 12.36 -21.18 23.80
C ASP A 23 12.61 -22.68 23.84
N LYS A 24 11.61 -23.46 24.23
CA LYS A 24 11.87 -24.91 24.39
C LYS A 24 10.84 -25.76 23.66
N THR A 25 11.31 -26.65 22.80
CA THR A 25 10.40 -27.53 22.02
C THR A 25 9.61 -28.39 22.98
N VAL A 26 8.33 -28.59 22.68
CA VAL A 26 7.46 -29.39 23.56
C VAL A 26 7.68 -30.85 23.18
N LEU A 27 6.74 -31.44 22.45
CA LEU A 27 6.94 -32.81 21.96
C LEU A 27 7.70 -32.74 20.64
N HIS A 28 7.01 -32.95 19.53
CA HIS A 28 7.64 -32.96 18.21
C HIS A 28 7.51 -31.57 17.55
N TYR A 29 7.01 -30.58 18.26
CA TYR A 29 6.72 -29.26 17.65
C TYR A 29 7.15 -28.10 18.54
N ARG A 30 7.30 -26.91 17.95
CA ARG A 30 7.62 -25.68 18.71
C ARG A 30 6.44 -24.70 18.62
N LYS A 31 5.96 -24.22 19.75
CA LYS A 31 4.78 -23.37 19.81
C LYS A 31 5.12 -21.93 19.46
N LEU A 32 4.19 -21.27 18.78
CA LEU A 32 4.36 -19.90 18.34
C LEU A 32 3.31 -19.01 18.99
N TYR A 33 3.58 -17.71 18.97
CA TYR A 33 2.59 -16.74 19.43
C TYR A 33 2.94 -15.39 18.83
N GLY A 34 1.92 -14.54 18.76
CA GLY A 34 2.14 -13.15 18.41
C GLY A 34 2.84 -12.43 19.54
N GLY A 35 4.05 -11.94 19.28
CA GLY A 35 4.80 -11.17 20.25
C GLY A 35 5.35 -9.90 19.62
N ASP A 36 6.08 -9.14 20.43
CA ASP A 36 6.58 -7.85 20.01
C ASP A 36 8.07 -7.87 19.68
N GLU A 37 8.75 -8.99 19.83
CA GLU A 37 10.16 -9.09 19.48
C GLU A 37 10.35 -9.39 18.00
N LYS A 38 11.40 -8.81 17.41
CA LYS A 38 11.66 -8.92 15.97
C LYS A 38 12.32 -10.26 15.63
N GLU A 39 11.59 -11.34 15.83
CA GLU A 39 12.11 -12.70 15.53
C GLU A 39 12.57 -12.80 14.07
N GLU A 40 13.70 -13.47 13.84
CA GLU A 40 14.22 -13.61 12.47
C GLU A 40 13.81 -14.97 11.87
N TRP A 41 13.26 -14.95 10.66
CA TRP A 41 12.80 -16.14 9.97
C TRP A 41 13.46 -16.23 8.61
N VAL A 42 13.41 -17.41 8.00
CA VAL A 42 13.98 -17.60 6.68
C VAL A 42 12.89 -18.07 5.71
N ILE A 43 12.78 -17.38 4.59
CA ILE A 43 11.91 -17.78 3.50
C ILE A 43 12.76 -18.49 2.45
N GLU A 44 12.42 -19.74 2.15
CA GLU A 44 13.11 -20.53 1.14
C GLU A 44 12.13 -20.85 0.00
N LYS A 45 12.60 -20.72 -1.24
CA LYS A 45 11.77 -21.11 -2.37
C LYS A 45 11.57 -22.61 -2.33
N SER A 46 10.33 -23.04 -2.62
CA SER A 46 9.97 -24.48 -2.70
C SER A 46 9.03 -24.64 -3.91
N GLY A 47 9.59 -24.90 -5.08
CA GLY A 47 8.79 -24.98 -6.32
C GLY A 47 8.21 -23.64 -6.72
N ASN A 48 6.91 -23.56 -6.92
CA ASN A 48 6.22 -22.29 -7.26
C ASN A 48 5.89 -21.58 -5.95
N ASP A 49 6.04 -22.28 -4.82
CA ASP A 49 5.63 -21.71 -3.50
C ASP A 49 6.85 -21.57 -2.58
N TYR A 50 6.64 -21.65 -1.26
CA TYR A 50 7.76 -21.37 -0.33
C TYR A 50 7.68 -22.13 1.00
N LYS A 51 8.81 -22.37 1.67
CA LYS A 51 8.88 -22.94 3.00
C LYS A 51 9.49 -21.89 3.91
N ILE A 52 9.20 -22.02 5.21
CA ILE A 52 9.55 -20.97 6.17
C ILE A 52 10.12 -21.66 7.40
N ARG A 53 11.23 -21.12 7.92
CA ARG A 53 11.89 -21.65 9.08
C ARG A 53 12.49 -20.49 9.87
N PRO A 54 12.61 -20.65 11.19
CA PRO A 54 13.31 -19.61 11.95
C PRO A 54 14.80 -19.66 11.64
N ARG A 55 15.44 -18.50 11.80
CA ARG A 55 16.85 -18.38 11.44
C ARG A 55 17.71 -19.38 12.20
N ILE A 56 17.36 -19.68 13.46
CA ILE A 56 18.27 -20.41 14.34
C ILE A 56 17.88 -21.87 14.55
N TYR A 57 16.72 -22.31 14.06
CA TYR A 57 16.38 -23.73 14.13
C TYR A 57 15.98 -24.24 12.76
N THR A 58 16.41 -25.45 12.43
CA THR A 58 15.97 -26.06 11.19
C THR A 58 14.64 -26.78 11.42
N GLU A 59 13.59 -25.98 11.61
CA GLU A 59 12.23 -26.47 11.87
C GLU A 59 11.26 -25.70 10.98
N TYR A 60 10.45 -26.41 10.22
CA TYR A 60 9.66 -25.77 9.19
C TYR A 60 8.27 -25.42 9.69
N LEU A 61 7.89 -24.16 9.49
CA LEU A 61 6.53 -23.69 9.74
C LEU A 61 5.52 -24.60 9.06
N TYR A 62 4.50 -25.02 9.81
CA TYR A 62 3.45 -25.85 9.23
C TYR A 62 2.16 -25.61 9.97
N ALA A 63 1.08 -26.16 9.42
CA ALA A 63 -0.27 -26.01 9.95
C ALA A 63 -0.78 -27.36 10.43
N GLU A 64 -1.42 -27.37 11.59
CA GLU A 64 -1.96 -28.60 12.13
C GLU A 64 -3.12 -29.12 11.27
N SER A 65 -3.46 -30.38 11.52
CA SER A 65 -4.38 -31.15 10.66
C SER A 65 -5.85 -30.90 10.98
N LYS A 66 -6.17 -30.28 12.11
CA LYS A 66 -7.54 -29.96 12.44
C LYS A 66 -7.62 -28.51 12.90
N THR A 67 -8.82 -27.94 12.81
CA THR A 67 -9.05 -26.57 13.25
C THR A 67 -9.52 -26.55 14.70
N ASP A 68 -8.84 -25.75 15.51
CA ASP A 68 -9.18 -25.51 16.91
C ASP A 68 -10.10 -24.31 17.03
N ASP A 69 -10.59 -24.10 18.25
CA ASP A 69 -11.41 -22.95 18.61
C ASP A 69 -10.84 -21.65 18.04
N PRO A 70 -9.60 -21.28 18.37
CA PRO A 70 -9.01 -20.04 17.84
C PRO A 70 -8.55 -20.12 16.39
N GLY A 71 -8.65 -21.27 15.73
CA GLY A 71 -8.19 -21.43 14.37
C GLY A 71 -7.22 -22.58 14.23
N ARG A 72 -6.83 -22.85 12.99
CA ARG A 72 -5.90 -23.94 12.70
C ARG A 72 -4.51 -23.54 13.16
N ALA A 73 -4.00 -24.23 14.18
CA ALA A 73 -2.75 -23.83 14.81
C ALA A 73 -1.58 -24.01 13.85
N VAL A 74 -0.67 -23.04 13.87
CA VAL A 74 0.55 -23.02 13.07
C VAL A 74 1.72 -23.10 14.03
N LYS A 75 2.68 -23.99 13.76
CA LYS A 75 3.89 -24.10 14.56
C LYS A 75 5.03 -24.60 13.66
N THR A 76 6.21 -24.85 14.26
CA THR A 76 7.34 -25.40 13.52
C THR A 76 7.61 -26.82 13.94
N LEU A 77 8.04 -27.63 12.96
CA LEU A 77 8.14 -29.08 13.13
C LEU A 77 9.55 -29.45 13.55
N LYS A 78 9.71 -29.85 14.81
CA LYS A 78 11.01 -30.31 15.28
C LYS A 78 11.29 -31.71 14.76
N GLU A 79 10.41 -32.66 15.06
CA GLU A 79 10.61 -34.06 14.69
C GLU A 79 9.46 -34.57 13.85
N GLY A 80 9.79 -35.31 12.82
CA GLY A 80 8.79 -35.97 12.01
C GLY A 80 8.73 -35.39 10.62
N THR A 81 7.64 -35.72 9.95
CA THR A 81 7.38 -35.25 8.60
C THR A 81 6.04 -34.54 8.59
N THR A 82 5.82 -33.70 7.58
CA THR A 82 4.53 -33.08 7.42
C THR A 82 4.31 -32.74 5.96
N ASP A 83 3.04 -32.63 5.62
CA ASP A 83 2.55 -32.27 4.30
C ASP A 83 2.09 -30.81 4.23
N ALA A 84 2.06 -30.11 5.36
CA ALA A 84 1.39 -28.82 5.47
C ALA A 84 2.39 -27.71 5.80
N ASN A 85 3.60 -27.82 5.24
CA ASN A 85 4.70 -26.92 5.53
C ASN A 85 5.09 -26.07 4.33
N VAL A 86 4.24 -26.03 3.31
CA VAL A 86 4.48 -25.26 2.08
C VAL A 86 3.53 -24.08 2.08
N TRP A 87 4.05 -22.89 1.77
CA TRP A 87 3.31 -21.65 1.94
C TRP A 87 3.33 -20.83 0.67
N LYS A 88 2.16 -20.36 0.26
CA LYS A 88 2.05 -19.38 -0.80
C LYS A 88 2.30 -18.00 -0.21
N VAL A 89 3.16 -17.22 -0.84
CA VAL A 89 3.54 -15.90 -0.36
C VAL A 89 3.42 -14.96 -1.56
N GLU A 90 2.51 -14.01 -1.47
CA GLU A 90 2.16 -13.21 -2.64
C GLU A 90 2.20 -11.73 -2.32
N GLN A 91 2.76 -10.95 -3.25
CA GLN A 91 2.99 -9.54 -3.03
C GLN A 91 1.75 -8.73 -3.34
N LYS A 92 1.45 -7.77 -2.47
CA LYS A 92 0.41 -6.78 -2.69
C LYS A 92 1.07 -5.45 -2.37
N MET A 93 1.50 -4.74 -3.41
CA MET A 93 2.41 -3.59 -3.28
C MET A 93 3.60 -3.97 -2.42
N ALA A 94 3.80 -3.27 -1.30
CA ALA A 94 4.94 -3.55 -0.45
C ALA A 94 4.66 -4.61 0.59
N LEU A 95 3.39 -4.98 0.74
CA LEU A 95 2.94 -5.95 1.74
C LEU A 95 2.68 -7.31 1.11
N TYR A 96 2.61 -8.34 1.94
CA TYR A 96 2.40 -9.70 1.46
C TYR A 96 1.23 -10.33 2.21
N TRP A 97 0.57 -11.26 1.53
CA TRP A 97 -0.27 -12.22 2.24
C TRP A 97 0.31 -13.61 2.05
N ILE A 98 0.07 -14.46 3.04
CA ILE A 98 0.64 -15.79 3.11
C ILE A 98 -0.50 -16.77 3.26
N SER A 99 -0.41 -17.89 2.55
CA SER A 99 -1.47 -18.88 2.61
C SER A 99 -0.88 -20.28 2.61
N ASN A 100 -1.43 -21.13 3.47
CA ASN A 100 -1.01 -22.53 3.47
C ASN A 100 -1.55 -23.24 2.24
N VAL A 101 -0.67 -23.88 1.47
CA VAL A 101 -1.09 -24.50 0.21
C VAL A 101 -2.03 -25.69 0.48
N LYS A 102 -1.67 -26.58 1.41
CA LYS A 102 -2.45 -27.81 1.60
C LYS A 102 -3.91 -27.51 1.93
N TYR A 103 -4.17 -26.54 2.79
CA TYR A 103 -5.51 -26.23 3.26
C TYR A 103 -6.10 -24.95 2.69
N GLN A 104 -5.34 -24.18 1.91
CA GLN A 104 -5.83 -22.95 1.30
C GLN A 104 -6.47 -22.03 2.34
N GLU A 105 -5.70 -21.72 3.37
CA GLU A 105 -6.15 -20.85 4.48
C GLU A 105 -5.07 -19.79 4.68
N CYS A 106 -5.48 -18.59 5.05
CA CYS A 106 -4.54 -17.46 5.20
C CYS A 106 -3.79 -17.54 6.52
N LEU A 107 -2.50 -17.27 6.47
CA LEU A 107 -1.77 -17.14 7.74
C LEU A 107 -2.13 -15.78 8.33
N VAL A 108 -2.32 -15.77 9.63
CA VAL A 108 -2.81 -14.58 10.34
C VAL A 108 -2.38 -14.65 11.80
N ILE A 109 -2.26 -13.51 12.45
CA ILE A 109 -2.09 -13.45 13.92
C ILE A 109 -3.43 -12.95 14.45
N SER A 110 -4.04 -13.70 15.35
CA SER A 110 -5.38 -13.38 15.84
C SER A 110 -5.36 -12.25 16.85
N GLY A 111 -6.56 -11.77 17.19
CA GLY A 111 -6.68 -10.73 18.20
C GLY A 111 -6.12 -11.14 19.55
N SER A 112 -6.20 -12.42 19.89
CA SER A 112 -5.64 -12.96 21.11
C SER A 112 -4.19 -13.48 20.94
N ASP A 113 -3.49 -13.09 19.87
CA ASP A 113 -2.09 -13.39 19.59
C ASP A 113 -1.84 -14.83 19.11
N HIS A 114 -2.89 -15.60 18.82
CA HIS A 114 -2.71 -16.92 18.23
C HIS A 114 -2.20 -16.81 16.79
N VAL A 115 -1.32 -17.74 16.41
CA VAL A 115 -0.81 -17.83 15.03
C VAL A 115 -1.51 -19.01 14.38
N VAL A 116 -2.39 -18.71 13.43
CA VAL A 116 -3.33 -19.67 12.90
C VAL A 116 -3.54 -19.37 11.42
N THR A 117 -4.14 -20.33 10.76
CA THR A 117 -4.62 -20.13 9.38
C THR A 117 -6.14 -20.06 9.47
N LYS A 118 -6.77 -19.36 8.55
CA LYS A 118 -8.24 -19.22 8.55
C LYS A 118 -8.72 -19.14 7.11
N LYS A 119 -9.77 -19.88 6.80
CA LYS A 119 -10.35 -19.81 5.43
C LYS A 119 -11.06 -18.47 5.28
N MET A 120 -10.68 -17.73 4.23
CA MET A 120 -11.26 -16.44 3.90
C MET A 120 -11.54 -16.41 2.41
N ASP A 121 -12.55 -15.64 2.00
CA ASP A 121 -12.73 -15.42 0.58
C ASP A 121 -11.44 -14.92 -0.05
N SER A 122 -10.70 -14.08 0.68
CA SER A 122 -9.47 -13.45 0.21
C SER A 122 -8.57 -13.24 1.42
N CYS A 123 -7.27 -13.43 1.24
CA CYS A 123 -6.29 -13.04 2.25
C CYS A 123 -5.85 -11.60 2.12
N GLY A 124 -6.36 -10.87 1.12
CA GLY A 124 -5.86 -9.56 0.76
C GLY A 124 -6.08 -8.46 1.78
N ASP A 125 -6.82 -8.73 2.85
CA ASP A 125 -6.99 -7.76 3.92
C ASP A 125 -6.24 -8.17 5.18
N ASP A 126 -5.40 -9.19 5.09
CA ASP A 126 -4.67 -9.73 6.23
C ASP A 126 -3.19 -9.82 5.85
N LEU A 127 -2.58 -8.67 5.70
CA LEU A 127 -1.27 -8.54 5.09
C LEU A 127 -0.16 -8.56 6.12
N TRP A 128 1.00 -8.98 5.66
CA TRP A 128 2.20 -9.10 6.46
C TRP A 128 3.24 -8.09 5.98
N GLU A 129 4.06 -7.61 6.90
CA GLU A 129 5.26 -6.86 6.53
C GLU A 129 6.43 -7.82 6.55
N ILE A 130 7.06 -8.01 5.40
CA ILE A 130 8.24 -8.93 5.28
C ILE A 130 9.48 -8.07 5.02
N GLN A 131 10.10 -7.63 6.11
CA GLN A 131 11.28 -6.74 6.08
C GLN A 131 12.54 -7.59 6.08
N PRO A 132 13.38 -7.55 5.05
CA PRO A 132 14.60 -8.34 5.03
C PRO A 132 15.58 -7.91 6.13
N VAL A 133 16.38 -8.86 6.55
CA VAL A 133 17.36 -8.60 7.64
C VAL A 133 18.76 -8.88 7.07
N SER A 134 19.51 -7.80 6.88
CA SER A 134 20.88 -7.93 6.32
C SER A 134 21.72 -8.54 7.43
N ASN A 135 22.78 -9.26 7.08
CA ASN A 135 23.58 -10.01 8.09
C ASN A 135 22.68 -11.18 8.47
N CYS A 136 22.55 -12.11 7.54
CA CYS A 136 21.65 -13.27 7.69
C CYS A 136 22.48 -14.52 7.93
N LEU A 137 22.53 -14.98 9.17
CA LEU A 137 23.31 -16.20 9.52
C LEU A 137 22.37 -17.36 9.80
N ILE A 138 22.03 -18.16 8.79
CA ILE A 138 21.11 -19.31 8.95
C ILE A 138 21.88 -20.47 9.59
N VAL A 139 21.40 -20.95 10.73
CA VAL A 139 22.06 -22.05 11.45
C VAL A 139 21.71 -23.36 10.77
N GLY A 140 22.67 -24.28 10.66
CA GLY A 140 22.40 -25.62 10.12
C GLY A 140 22.09 -26.58 11.25
N LYS A 141 22.91 -27.62 11.44
CA LYS A 141 22.73 -28.53 12.57
C LYS A 141 23.73 -29.66 12.55
N ASP B 2 0.92 5.86 -18.85
CA ASP B 2 1.42 4.96 -17.82
C ASP B 2 1.05 3.48 -18.02
N VAL B 3 -0.22 3.17 -18.21
CA VAL B 3 -0.60 1.75 -18.27
C VAL B 3 0.09 1.08 -19.45
N PRO B 4 0.82 -0.03 -19.23
CA PRO B 4 1.52 -0.69 -20.35
C PRO B 4 0.54 -1.15 -21.40
N THR B 5 1.00 -1.18 -22.65
CA THR B 5 0.22 -1.68 -23.77
C THR B 5 0.97 -2.82 -24.44
N GLY B 6 0.29 -3.48 -25.35
CA GLY B 6 0.85 -4.68 -25.92
C GLY B 6 0.69 -5.89 -25.01
N CYS B 7 1.64 -6.80 -25.12
CA CYS B 7 1.55 -8.11 -24.49
C CYS B 7 1.86 -8.01 -22.99
N VAL B 8 0.92 -8.45 -22.15
CA VAL B 8 1.07 -8.36 -20.70
C VAL B 8 0.53 -9.61 -20.04
N THR B 9 0.78 -9.72 -18.74
CA THR B 9 0.06 -10.61 -17.85
C THR B 9 -0.77 -9.73 -16.91
N LEU B 10 -1.95 -10.22 -16.51
CA LEU B 10 -2.83 -9.52 -15.58
C LEU B 10 -3.03 -10.42 -14.37
N LYS B 11 -2.38 -10.08 -13.26
CA LYS B 11 -2.54 -10.84 -12.02
C LYS B 11 -3.34 -10.02 -11.04
N PHE B 12 -4.51 -10.53 -10.65
CA PHE B 12 -5.35 -9.94 -9.62
C PHE B 12 -4.69 -10.16 -8.27
N VAL B 13 -4.21 -9.08 -7.66
CA VAL B 13 -3.24 -9.21 -6.59
C VAL B 13 -3.87 -9.79 -5.31
N ASN B 14 -5.16 -9.56 -5.07
CA ASN B 14 -5.79 -10.09 -3.87
C ASN B 14 -5.71 -11.61 -3.74
N ASN B 15 -5.57 -12.34 -4.86
CA ASN B 15 -5.48 -13.79 -4.75
C ASN B 15 -4.53 -14.41 -5.75
N ALA B 16 -3.70 -13.62 -6.45
CA ALA B 16 -2.69 -14.15 -7.36
C ALA B 16 -3.29 -14.98 -8.49
N LYS B 17 -4.55 -14.78 -8.85
CA LYS B 17 -5.08 -15.48 -10.01
C LYS B 17 -4.78 -14.68 -11.27
N HIS B 18 -4.69 -15.40 -12.38
CA HIS B 18 -4.66 -14.80 -13.70
C HIS B 18 -6.00 -15.07 -14.39
N ILE B 19 -6.25 -14.34 -15.46
CA ILE B 19 -7.47 -14.61 -16.26
C ILE B 19 -7.09 -15.77 -17.19
N ASN B 20 -7.72 -16.92 -17.00
CA ASN B 20 -7.45 -18.12 -17.82
C ASN B 20 -8.67 -18.40 -18.70
N MET B 21 -8.46 -19.09 -19.80
CA MET B 21 -9.59 -19.36 -20.70
C MET B 21 -9.65 -20.83 -21.10
N TRP B 22 -10.85 -21.28 -21.44
CA TRP B 22 -11.07 -22.58 -22.07
C TRP B 22 -10.25 -22.71 -23.34
N ASP B 23 -9.49 -23.81 -23.44
CA ASP B 23 -8.71 -24.05 -24.64
C ASP B 23 -9.60 -24.18 -25.87
N LYS B 24 -10.78 -24.81 -25.72
CA LYS B 24 -11.68 -24.99 -26.85
C LYS B 24 -13.10 -24.62 -26.48
N THR B 25 -13.84 -24.13 -27.46
CA THR B 25 -15.25 -23.84 -27.30
C THR B 25 -15.91 -23.92 -28.66
N VAL B 26 -17.18 -24.34 -28.66
CA VAL B 26 -18.01 -24.29 -29.85
C VAL B 26 -18.96 -23.10 -29.84
N LEU B 27 -18.92 -22.27 -28.79
CA LEU B 27 -19.86 -21.19 -28.60
C LEU B 27 -19.36 -19.89 -29.24
N HIS B 28 -20.26 -18.91 -29.34
CA HIS B 28 -19.87 -17.59 -29.84
C HIS B 28 -19.06 -16.79 -28.83
N TYR B 29 -18.85 -17.31 -27.62
CA TYR B 29 -17.99 -16.65 -26.64
C TYR B 29 -17.10 -17.70 -25.99
N ARG B 30 -15.99 -17.23 -25.44
CA ARG B 30 -15.03 -18.09 -24.78
C ARG B 30 -15.08 -17.81 -23.29
N LYS B 31 -15.29 -18.87 -22.50
CA LYS B 31 -15.43 -18.68 -21.07
C LYS B 31 -14.07 -18.50 -20.43
N LEU B 32 -14.06 -17.72 -19.35
CA LEU B 32 -12.84 -17.43 -18.61
C LEU B 32 -13.01 -17.83 -17.16
N TYR B 33 -11.89 -18.00 -16.48
CA TYR B 33 -11.87 -18.37 -15.07
C TYR B 33 -10.52 -17.97 -14.50
N GLY B 34 -10.50 -17.77 -13.19
CA GLY B 34 -9.26 -17.43 -12.52
C GLY B 34 -8.40 -18.66 -12.34
N GLY B 35 -7.17 -18.60 -12.81
CA GLY B 35 -6.27 -19.73 -12.70
C GLY B 35 -4.84 -19.32 -12.38
N ASP B 36 -3.94 -20.30 -12.36
CA ASP B 36 -2.55 -20.05 -12.00
C ASP B 36 -1.63 -20.03 -13.21
N GLU B 37 -2.19 -20.25 -14.39
CA GLU B 37 -1.39 -20.16 -15.63
C GLU B 37 -1.17 -18.69 -15.98
N LYS B 38 0.05 -18.33 -16.34
CA LYS B 38 0.36 -16.93 -16.63
C LYS B 38 -0.03 -16.61 -18.06
N GLU B 39 -1.34 -16.57 -18.27
CA GLU B 39 -1.92 -16.32 -19.58
C GLU B 39 -1.47 -14.97 -20.14
N GLU B 40 -1.16 -14.94 -21.43
CA GLU B 40 -0.63 -13.74 -22.06
C GLU B 40 -1.74 -12.97 -22.74
N TRP B 41 -1.95 -11.72 -22.34
CA TRP B 41 -2.99 -10.90 -22.92
C TRP B 41 -2.38 -9.72 -23.66
N VAL B 42 -3.21 -8.99 -24.39
CA VAL B 42 -2.75 -7.85 -25.16
C VAL B 42 -3.62 -6.66 -24.80
N ILE B 43 -2.99 -5.57 -24.38
CA ILE B 43 -3.69 -4.33 -24.09
C ILE B 43 -3.58 -3.38 -25.28
N GLU B 44 -4.72 -2.92 -25.78
CA GLU B 44 -4.81 -2.04 -26.94
C GLU B 44 -5.49 -0.75 -26.53
N LYS B 45 -4.92 0.38 -26.94
CA LYS B 45 -5.54 1.67 -26.69
C LYS B 45 -6.84 1.78 -27.48
N SER B 46 -7.86 2.35 -26.84
CA SER B 46 -9.16 2.49 -27.48
C SER B 46 -9.77 3.78 -26.93
N GLY B 47 -9.70 4.85 -27.71
CA GLY B 47 -10.04 6.14 -27.14
C GLY B 47 -9.04 6.51 -26.05
N ASN B 48 -9.56 6.93 -24.91
CA ASN B 48 -8.74 7.20 -23.72
C ASN B 48 -8.84 5.97 -22.79
N ASP B 49 -9.60 4.98 -23.21
CA ASP B 49 -9.75 3.71 -22.46
C ASP B 49 -9.03 2.61 -23.25
N TYR B 50 -9.33 1.34 -23.00
CA TYR B 50 -8.56 0.25 -23.66
C TYR B 50 -9.44 -0.95 -24.00
N LYS B 51 -8.92 -1.77 -24.91
CA LYS B 51 -9.46 -3.08 -25.20
C LYS B 51 -8.40 -4.12 -24.89
N ILE B 52 -8.84 -5.33 -24.56
CA ILE B 52 -7.98 -6.37 -24.00
C ILE B 52 -8.34 -7.69 -24.67
N ARG B 53 -7.33 -8.40 -25.18
CA ARG B 53 -7.52 -9.64 -25.91
C ARG B 53 -6.38 -10.62 -25.63
N PRO B 54 -6.62 -11.92 -25.80
CA PRO B 54 -5.54 -12.89 -25.61
C PRO B 54 -4.54 -12.79 -26.75
N ARG B 55 -3.30 -13.12 -26.42
CA ARG B 55 -2.24 -13.08 -27.43
C ARG B 55 -2.62 -13.90 -28.66
N ILE B 56 -3.24 -15.07 -28.45
CA ILE B 56 -3.45 -16.04 -29.51
C ILE B 56 -4.84 -15.98 -30.13
N TYR B 57 -5.78 -15.22 -29.57
CA TYR B 57 -7.14 -15.16 -30.10
C TYR B 57 -7.53 -13.72 -30.32
N THR B 58 -8.09 -13.43 -31.50
CA THR B 58 -8.56 -12.07 -31.78
C THR B 58 -9.98 -11.87 -31.24
N GLU B 59 -10.11 -12.02 -29.93
CA GLU B 59 -11.39 -12.02 -29.24
C GLU B 59 -11.28 -11.10 -28.03
N TYR B 60 -12.13 -10.06 -27.97
CA TYR B 60 -11.96 -9.01 -26.98
C TYR B 60 -12.70 -9.31 -25.68
N LEU B 61 -12.05 -8.98 -24.58
CA LEU B 61 -12.69 -9.04 -23.29
C LEU B 61 -13.93 -8.17 -23.26
N TYR B 62 -15.04 -8.72 -22.80
CA TYR B 62 -16.29 -7.96 -22.70
C TYR B 62 -17.08 -8.45 -21.51
N ALA B 63 -17.99 -7.60 -21.04
CA ALA B 63 -18.84 -7.92 -19.90
C ALA B 63 -20.23 -8.28 -20.39
N GLU B 64 -20.80 -9.30 -19.77
CA GLU B 64 -22.16 -9.78 -20.12
C GLU B 64 -23.22 -8.73 -19.77
N SER B 65 -24.35 -8.78 -20.47
CA SER B 65 -25.43 -7.83 -20.30
C SER B 65 -26.34 -8.13 -19.11
N LYS B 66 -26.28 -9.32 -18.53
CA LYS B 66 -27.02 -9.66 -17.32
C LYS B 66 -26.03 -10.10 -16.24
N THR B 67 -26.51 -10.08 -14.99
CA THR B 67 -25.67 -10.41 -13.83
C THR B 67 -26.28 -11.58 -13.07
N ASP B 68 -25.58 -12.70 -13.06
CA ASP B 68 -25.97 -13.87 -12.27
C ASP B 68 -25.40 -13.73 -10.85
N ASP B 69 -25.57 -14.77 -10.03
CA ASP B 69 -25.21 -14.65 -8.62
C ASP B 69 -23.75 -14.24 -8.41
N PRO B 70 -22.76 -14.89 -9.02
CA PRO B 70 -21.36 -14.53 -8.72
C PRO B 70 -20.98 -13.14 -9.21
N GLY B 71 -21.77 -12.53 -10.06
CA GLY B 71 -21.42 -11.21 -10.58
C GLY B 71 -21.54 -11.17 -12.09
N ARG B 72 -21.26 -10.04 -12.71
CA ARG B 72 -21.44 -9.95 -14.18
C ARG B 72 -20.33 -10.75 -14.89
N ALA B 73 -20.70 -11.80 -15.60
CA ALA B 73 -19.73 -12.69 -16.28
C ALA B 73 -18.92 -11.95 -17.35
N VAL B 74 -17.65 -12.29 -17.45
CA VAL B 74 -16.71 -11.69 -18.36
C VAL B 74 -16.14 -12.79 -19.26
N LYS B 75 -16.09 -12.52 -20.56
CA LYS B 75 -15.73 -13.52 -21.54
C LYS B 75 -14.92 -12.82 -22.61
N THR B 76 -14.39 -13.58 -23.57
CA THR B 76 -13.89 -12.99 -24.80
C THR B 76 -14.86 -13.35 -25.90
N LEU B 77 -15.12 -12.40 -26.81
CA LEU B 77 -16.18 -12.55 -27.80
C LEU B 77 -15.61 -13.13 -29.08
N LYS B 78 -15.97 -14.34 -29.43
CA LYS B 78 -15.38 -15.05 -30.60
C LYS B 78 -16.15 -14.72 -31.89
N GLU B 79 -17.45 -14.51 -31.78
CA GLU B 79 -18.31 -14.28 -32.95
C GLU B 79 -19.39 -13.29 -32.54
N GLY B 80 -19.57 -12.26 -33.34
CA GLY B 80 -20.64 -11.30 -33.03
C GLY B 80 -20.14 -9.93 -32.68
N THR B 81 -20.99 -9.13 -32.05
CA THR B 81 -20.62 -7.74 -31.73
C THR B 81 -21.03 -7.41 -30.30
N THR B 82 -20.31 -6.47 -29.71
CA THR B 82 -20.62 -5.99 -28.37
C THR B 82 -20.15 -4.56 -28.20
N ASP B 83 -20.85 -3.82 -27.36
CA ASP B 83 -20.40 -2.50 -26.93
C ASP B 83 -19.89 -2.51 -25.48
N ALA B 84 -19.94 -3.66 -24.80
CA ALA B 84 -19.36 -3.86 -23.47
C ALA B 84 -17.87 -4.21 -23.53
N ASN B 85 -17.18 -3.55 -24.44
CA ASN B 85 -15.91 -3.94 -25.00
C ASN B 85 -14.72 -3.21 -24.43
N VAL B 86 -14.95 -2.08 -23.77
CA VAL B 86 -13.96 -1.05 -23.55
C VAL B 86 -13.73 -0.95 -22.05
N TRP B 87 -12.47 -0.93 -21.65
CA TRP B 87 -12.12 -1.00 -20.24
C TRP B 87 -11.32 0.22 -19.83
N LYS B 88 -11.64 0.76 -18.67
CA LYS B 88 -10.83 1.78 -18.05
C LYS B 88 -9.76 1.09 -17.21
N VAL B 89 -8.50 1.44 -17.45
CA VAL B 89 -7.38 0.96 -16.66
C VAL B 89 -6.71 2.19 -16.05
N GLU B 90 -6.52 2.18 -14.73
CA GLU B 90 -6.12 3.38 -13.98
C GLU B 90 -5.02 3.06 -12.98
N GLN B 91 -3.89 3.76 -13.10
CA GLN B 91 -2.78 3.56 -12.18
C GLN B 91 -3.20 3.74 -10.72
N LYS B 92 -2.62 2.96 -9.81
CA LYS B 92 -2.78 3.16 -8.34
C LYS B 92 -1.46 2.68 -7.75
N MET B 93 -0.50 3.59 -7.59
CA MET B 93 0.87 3.25 -7.13
C MET B 93 1.45 2.28 -8.16
N ALA B 94 1.90 1.10 -7.75
CA ALA B 94 2.55 0.22 -8.76
C ALA B 94 1.50 -0.64 -9.46
N LEU B 95 0.26 -0.56 -9.03
CA LEU B 95 -0.78 -1.45 -9.55
C LEU B 95 -1.82 -0.67 -10.36
N TYR B 96 -2.87 -1.35 -10.83
CA TYR B 96 -3.92 -0.73 -11.62
C TYR B 96 -5.26 -1.35 -11.26
N TRP B 97 -6.32 -0.55 -11.33
CA TRP B 97 -7.66 -1.12 -11.32
C TRP B 97 -8.27 -0.99 -12.70
N ILE B 98 -9.33 -1.77 -12.90
CA ILE B 98 -9.92 -2.00 -14.21
C ILE B 98 -11.42 -2.05 -13.99
N SER B 99 -12.17 -1.28 -14.78
CA SER B 99 -13.62 -1.40 -14.73
C SER B 99 -14.18 -1.34 -16.14
N ASN B 100 -15.31 -2.01 -16.32
CA ASN B 100 -16.01 -1.99 -17.59
C ASN B 100 -16.65 -0.61 -17.77
N VAL B 101 -16.33 0.05 -18.88
CA VAL B 101 -16.87 1.39 -19.14
C VAL B 101 -18.39 1.33 -19.32
N LYS B 102 -18.88 0.35 -20.09
CA LYS B 102 -20.31 0.28 -20.33
C LYS B 102 -21.09 0.19 -19.03
N TYR B 103 -20.63 -0.65 -18.10
CA TYR B 103 -21.41 -0.89 -16.89
C TYR B 103 -20.82 -0.28 -15.64
N GLN B 104 -19.67 0.38 -15.75
CA GLN B 104 -18.97 1.03 -14.60
C GLN B 104 -18.94 0.11 -13.38
N GLU B 105 -18.45 -1.11 -13.57
CA GLU B 105 -18.26 -2.15 -12.54
C GLU B 105 -16.81 -2.61 -12.62
N CYS B 106 -16.26 -3.01 -11.49
CA CYS B 106 -14.81 -3.34 -11.39
C CYS B 106 -14.50 -4.73 -11.88
N LEU B 107 -13.47 -4.86 -12.71
CA LEU B 107 -12.99 -6.19 -13.13
C LEU B 107 -12.34 -6.82 -11.91
N VAL B 108 -12.68 -8.07 -11.65
CA VAL B 108 -12.32 -8.75 -10.42
C VAL B 108 -12.21 -10.25 -10.71
N ILE B 109 -11.46 -10.97 -9.88
CA ILE B 109 -11.52 -12.43 -9.85
C ILE B 109 -11.99 -12.84 -8.46
N SER B 110 -13.14 -13.51 -8.39
CA SER B 110 -13.77 -13.74 -7.09
C SER B 110 -13.05 -14.83 -6.31
N GLY B 111 -13.47 -14.98 -5.04
CA GLY B 111 -12.93 -16.06 -4.23
C GLY B 111 -13.23 -17.43 -4.82
N SER B 112 -14.37 -17.57 -5.50
CA SER B 112 -14.70 -18.79 -6.19
C SER B 112 -14.07 -18.88 -7.58
N ASP B 113 -13.12 -17.99 -7.89
CA ASP B 113 -12.37 -18.01 -9.15
C ASP B 113 -13.23 -17.64 -10.35
N HIS B 114 -14.26 -16.84 -10.15
CA HIS B 114 -15.03 -16.32 -11.27
C HIS B 114 -14.43 -15.01 -11.76
N VAL B 115 -14.30 -14.90 -13.09
CA VAL B 115 -13.88 -13.65 -13.71
C VAL B 115 -15.14 -12.82 -13.98
N VAL B 116 -15.38 -11.82 -13.14
CA VAL B 116 -16.60 -11.03 -13.18
C VAL B 116 -16.29 -9.57 -12.92
N THR B 117 -17.30 -8.74 -13.12
CA THR B 117 -17.32 -7.31 -12.74
C THR B 117 -18.33 -7.20 -11.60
N LYS B 118 -18.04 -6.38 -10.60
CA LYS B 118 -18.95 -6.22 -9.46
C LYS B 118 -19.24 -4.72 -9.26
N LYS B 119 -20.47 -4.40 -8.90
CA LYS B 119 -20.84 -2.99 -8.62
C LYS B 119 -20.14 -2.62 -7.32
N MET B 120 -19.19 -1.71 -7.42
CA MET B 120 -18.42 -1.43 -6.19
C MET B 120 -18.29 0.07 -6.01
N ASP B 121 -18.36 0.52 -4.76
CA ASP B 121 -18.13 1.96 -4.48
C ASP B 121 -16.80 2.33 -5.13
N SER B 122 -15.82 1.43 -5.06
CA SER B 122 -14.54 1.74 -5.65
C SER B 122 -13.81 0.45 -6.00
N CYS B 123 -12.91 0.54 -6.97
CA CYS B 123 -12.08 -0.59 -7.35
C CYS B 123 -10.73 -0.58 -6.65
N GLY B 124 -10.48 0.39 -5.77
CA GLY B 124 -9.14 0.54 -5.20
C GLY B 124 -8.70 -0.61 -4.33
N ASP B 125 -9.64 -1.32 -3.72
CA ASP B 125 -9.34 -2.52 -2.95
C ASP B 125 -9.24 -3.79 -3.80
N ASP B 126 -9.27 -3.68 -5.15
CA ASP B 126 -9.24 -4.84 -6.03
C ASP B 126 -8.31 -4.59 -7.19
N LEU B 127 -7.01 -4.59 -6.93
CA LEU B 127 -6.07 -4.12 -7.94
C LEU B 127 -5.47 -5.27 -8.75
N TRP B 128 -4.88 -4.88 -9.88
CA TRP B 128 -4.20 -5.78 -10.79
C TRP B 128 -2.75 -5.37 -10.92
N GLU B 129 -1.87 -6.36 -10.96
CA GLU B 129 -0.53 -6.14 -11.43
C GLU B 129 -0.49 -6.46 -12.91
N ILE B 130 -0.10 -5.46 -13.68
CA ILE B 130 0.03 -5.62 -15.14
C ILE B 130 1.51 -5.53 -15.44
N GLN B 131 2.05 -6.60 -16.00
CA GLN B 131 3.49 -6.61 -16.23
C GLN B 131 3.75 -6.94 -17.68
N PRO B 132 4.60 -6.20 -18.39
CA PRO B 132 4.95 -6.53 -19.75
C PRO B 132 5.55 -7.92 -19.92
N VAL B 133 5.33 -8.48 -21.09
CA VAL B 133 5.84 -9.85 -21.39
C VAL B 133 6.77 -9.74 -22.58
N SER B 134 8.00 -10.20 -22.39
CA SER B 134 9.00 -10.14 -23.47
C SER B 134 8.83 -11.36 -24.38
N ASN B 135 9.23 -11.26 -25.64
CA ASN B 135 9.20 -12.41 -26.57
C ASN B 135 7.77 -12.89 -26.71
N CYS B 136 6.92 -12.08 -27.31
CA CYS B 136 5.51 -12.46 -27.44
C CYS B 136 5.08 -12.38 -28.90
N LEU B 137 4.65 -13.49 -29.46
CA LEU B 137 4.13 -13.44 -30.84
C LEU B 137 2.62 -13.25 -30.78
N ILE B 138 2.17 -12.04 -31.10
CA ILE B 138 0.74 -11.80 -31.16
C ILE B 138 0.16 -12.39 -32.44
N VAL B 139 -0.97 -13.09 -32.32
CA VAL B 139 -1.70 -13.60 -33.48
C VAL B 139 -2.62 -12.51 -34.00
N GLY B 140 -2.59 -12.26 -35.30
CA GLY B 140 -3.49 -11.30 -35.88
C GLY B 140 -3.10 -9.89 -35.48
N LYS B 141 -4.07 -9.12 -34.96
CA LYS B 141 -3.90 -7.69 -34.69
C LYS B 141 -2.69 -7.37 -33.82
N ASP C 2 8.67 4.62 12.24
CA ASP C 2 9.37 5.89 12.01
C ASP C 2 10.41 5.76 10.90
N VAL C 3 10.60 6.85 10.16
CA VAL C 3 11.55 6.90 9.04
C VAL C 3 12.91 6.40 9.49
N PRO C 4 13.53 5.47 8.76
CA PRO C 4 14.83 4.92 9.20
C PRO C 4 15.96 5.87 8.91
N THR C 5 16.93 5.91 9.82
CA THR C 5 18.13 6.72 9.65
C THR C 5 19.34 5.83 9.43
N GLY C 6 20.47 6.46 9.13
CA GLY C 6 21.65 5.68 8.79
C GLY C 6 21.55 5.10 7.38
N CYS C 7 22.31 4.03 7.14
CA CYS C 7 22.54 3.36 5.82
C CYS C 7 21.31 2.60 5.31
N VAL C 8 20.86 2.91 4.08
CA VAL C 8 19.61 2.42 3.49
C VAL C 8 19.79 2.29 1.98
N THR C 9 18.86 1.60 1.34
CA THR C 9 18.68 1.71 -0.10
C THR C 9 17.41 2.51 -0.35
N LEU C 10 17.40 3.24 -1.46
CA LEU C 10 16.26 4.07 -1.91
C LEU C 10 15.72 3.48 -3.22
N LYS C 11 14.56 2.87 -3.17
CA LYS C 11 14.03 2.20 -4.37
C LYS C 11 12.67 2.78 -4.74
N PHE C 12 12.55 3.36 -5.92
CA PHE C 12 11.25 3.90 -6.39
C PHE C 12 10.40 2.69 -6.78
N VAL C 13 9.24 2.56 -6.16
CA VAL C 13 8.50 1.31 -6.23
C VAL C 13 7.79 1.17 -7.57
N ASN C 14 7.23 2.25 -8.11
CA ASN C 14 6.45 2.17 -9.34
C ASN C 14 7.24 1.59 -10.52
N ASN C 15 8.57 1.80 -10.56
CA ASN C 15 9.38 1.21 -11.62
C ASN C 15 10.51 0.34 -11.09
N ALA C 16 10.58 0.11 -9.78
CA ALA C 16 11.61 -0.72 -9.15
C ALA C 16 13.03 -0.32 -9.55
N LYS C 17 13.31 0.99 -9.48
CA LYS C 17 14.65 1.49 -9.74
C LYS C 17 15.21 2.13 -8.47
N HIS C 18 16.48 1.85 -8.18
CA HIS C 18 17.22 2.51 -7.13
C HIS C 18 17.84 3.79 -7.66
N ILE C 19 18.23 4.67 -6.75
CA ILE C 19 18.96 5.91 -7.10
C ILE C 19 20.43 5.52 -7.27
N ASN C 20 20.93 5.60 -8.50
CA ASN C 20 22.32 5.21 -8.80
C ASN C 20 23.13 6.47 -9.15
N MET C 21 24.40 6.53 -8.78
CA MET C 21 25.15 7.76 -9.10
C MET C 21 26.26 7.52 -10.12
N TRP C 22 26.68 8.57 -10.78
CA TRP C 22 27.82 8.52 -11.69
C TRP C 22 29.09 8.20 -10.93
N ASP C 23 30.02 7.50 -11.61
CA ASP C 23 31.29 7.17 -10.99
C ASP C 23 32.14 8.41 -10.72
N LYS C 24 32.04 9.41 -11.59
CA LYS C 24 32.83 10.63 -11.49
C LYS C 24 31.91 11.83 -11.37
N THR C 25 32.47 12.95 -10.91
CA THR C 25 31.73 14.20 -10.82
C THR C 25 31.88 15.00 -12.11
N VAL C 26 30.97 15.94 -12.28
CA VAL C 26 31.00 16.90 -13.37
C VAL C 26 30.76 18.27 -12.75
N LEU C 27 31.77 19.14 -12.81
CA LEU C 27 31.74 20.46 -12.15
C LEU C 27 31.53 20.22 -10.65
N HIS C 28 30.60 20.93 -10.00
CA HIS C 28 30.44 20.87 -8.55
C HIS C 28 29.51 19.76 -8.06
N TYR C 29 28.87 19.07 -9.01
CA TYR C 29 27.84 18.07 -8.63
C TYR C 29 28.15 16.68 -9.15
N ARG C 30 27.36 15.71 -8.71
CA ARG C 30 27.46 14.34 -9.24
C ARG C 30 26.06 14.03 -9.77
N LYS C 31 25.98 13.56 -11.01
CA LYS C 31 24.69 13.25 -11.64
C LYS C 31 24.15 11.92 -11.10
N LEU C 32 22.85 11.73 -11.25
CA LEU C 32 22.20 10.50 -10.77
C LEU C 32 21.27 9.94 -11.84
N TYR C 33 21.04 8.63 -11.82
CA TYR C 33 20.07 8.00 -12.71
C TYR C 33 19.44 6.85 -11.94
N GLY C 34 18.30 6.38 -12.44
CA GLY C 34 17.68 5.20 -11.86
C GLY C 34 18.29 3.94 -12.44
N GLY C 35 18.52 2.96 -11.56
CA GLY C 35 19.11 1.73 -12.02
C GLY C 35 18.88 0.59 -11.06
N ASP C 36 19.57 -0.52 -11.33
CA ASP C 36 19.30 -1.77 -10.62
C ASP C 36 20.26 -2.06 -9.47
N GLU C 37 21.42 -1.43 -9.42
CA GLU C 37 22.33 -1.71 -8.31
C GLU C 37 21.79 -1.14 -7.01
N LYS C 38 21.89 -1.94 -5.94
CA LYS C 38 21.33 -1.56 -4.64
C LYS C 38 22.30 -0.59 -3.95
N GLU C 39 22.39 0.61 -4.54
CA GLU C 39 23.34 1.60 -4.06
C GLU C 39 22.98 2.08 -2.66
N GLU C 40 23.98 2.19 -1.80
CA GLU C 40 23.77 2.47 -0.39
C GLU C 40 23.80 3.98 -0.14
N TRP C 41 22.77 4.48 0.55
CA TRP C 41 22.63 5.87 0.92
C TRP C 41 22.47 5.97 2.42
N VAL C 42 22.63 7.19 2.94
CA VAL C 42 22.47 7.47 4.37
C VAL C 42 21.42 8.57 4.55
N ILE C 43 20.50 8.33 5.47
CA ILE C 43 19.51 9.32 5.85
C ILE C 43 19.94 9.91 7.20
N GLU C 44 20.06 11.24 7.23
CA GLU C 44 20.39 11.99 8.43
C GLU C 44 19.22 12.88 8.78
N LYS C 45 18.86 12.91 10.07
CA LYS C 45 17.86 13.85 10.58
C LYS C 45 18.37 15.28 10.46
N SER C 46 17.49 16.18 10.06
CA SER C 46 17.85 17.59 9.88
C SER C 46 16.67 18.37 10.42
N GLY C 47 16.75 18.79 11.67
CA GLY C 47 15.61 19.48 12.29
C GLY C 47 14.36 18.62 12.23
N ASN C 48 13.35 19.08 11.53
CA ASN C 48 12.08 18.31 11.46
C ASN C 48 12.07 17.44 10.20
N ASP C 49 13.00 17.70 9.31
CA ASP C 49 13.03 16.95 8.03
C ASP C 49 14.30 16.12 7.96
N TYR C 50 14.77 15.87 6.77
CA TYR C 50 15.92 14.94 6.69
C TYR C 50 16.94 15.36 5.63
N LYS C 51 18.15 14.82 5.68
CA LYS C 51 19.21 15.09 4.68
C LYS C 51 19.65 13.73 4.12
N ILE C 52 20.05 13.68 2.86
CA ILE C 52 20.41 12.40 2.19
C ILE C 52 21.78 12.49 1.50
N ARG C 53 22.59 11.49 1.74
CA ARG C 53 23.94 11.41 1.15
C ARG C 53 24.26 9.96 0.84
N PRO C 54 25.17 9.66 -0.08
CA PRO C 54 25.56 8.29 -0.34
C PRO C 54 26.49 7.78 0.76
N ARG C 55 26.54 6.48 0.97
CA ARG C 55 27.46 5.90 1.93
C ARG C 55 28.90 6.28 1.61
N ILE C 56 29.23 6.31 0.33
CA ILE C 56 30.62 6.40 -0.09
C ILE C 56 31.12 7.83 -0.16
N TYR C 57 30.28 8.76 -0.65
CA TYR C 57 30.76 10.13 -0.96
C TYR C 57 30.11 11.16 -0.05
N THR C 58 30.81 12.24 0.32
CA THR C 58 30.30 13.27 1.27
C THR C 58 29.47 14.37 0.58
N GLU C 59 28.54 13.97 -0.26
CA GLU C 59 27.74 14.89 -1.11
C GLU C 59 26.29 14.80 -0.67
N TYR C 60 25.59 15.92 -0.65
CA TYR C 60 24.19 15.90 -0.18
C TYR C 60 23.23 15.97 -1.36
N LEU C 61 22.24 15.08 -1.32
CA LEU C 61 21.16 15.13 -2.28
C LEU C 61 20.53 16.52 -2.30
N TYR C 62 20.35 17.10 -3.49
CA TYR C 62 19.71 18.40 -3.60
C TYR C 62 18.99 18.50 -4.93
N ALA C 63 18.02 19.41 -4.98
CA ALA C 63 17.25 19.72 -6.19
C ALA C 63 17.75 21.03 -6.79
N GLU C 64 17.82 21.09 -8.12
CA GLU C 64 18.47 22.21 -8.78
C GLU C 64 17.44 23.27 -9.19
N SER C 65 17.95 24.41 -9.65
CA SER C 65 17.12 25.59 -9.91
C SER C 65 16.27 25.43 -11.17
N LYS C 66 16.87 25.00 -12.27
CA LYS C 66 16.11 24.88 -13.55
C LYS C 66 15.11 23.74 -13.43
N THR C 67 13.95 23.89 -14.04
CA THR C 67 12.95 22.78 -14.06
C THR C 67 12.68 22.46 -15.52
N ASP C 68 13.43 21.51 -16.09
CA ASP C 68 13.35 21.22 -17.54
C ASP C 68 12.22 20.24 -17.90
N ASP C 69 12.38 19.56 -19.04
CA ASP C 69 11.30 18.66 -19.56
C ASP C 69 11.19 17.41 -18.70
N PRO C 70 12.26 16.61 -18.43
CA PRO C 70 12.12 15.48 -17.53
C PRO C 70 11.57 16.02 -16.21
N GLY C 71 12.14 17.14 -15.72
CA GLY C 71 11.72 17.74 -14.45
C GLY C 71 12.90 18.44 -13.83
N ARG C 72 12.77 18.88 -12.57
CA ARG C 72 13.88 19.54 -11.84
C ARG C 72 14.89 18.46 -11.47
N ALA C 73 16.08 18.52 -12.03
CA ALA C 73 17.06 17.48 -11.78
C ALA C 73 17.47 17.44 -10.31
N VAL C 74 17.84 16.25 -9.84
CA VAL C 74 18.30 16.05 -8.47
C VAL C 74 19.71 15.52 -8.52
N LYS C 75 20.59 16.04 -7.67
CA LYS C 75 22.01 15.65 -7.71
C LYS C 75 22.53 15.49 -6.28
N THR C 76 23.79 15.06 -6.15
CA THR C 76 24.56 15.24 -4.93
C THR C 76 25.61 16.31 -5.14
N LEU C 77 25.89 17.09 -4.10
CA LEU C 77 26.68 18.31 -4.21
C LEU C 77 28.09 18.06 -3.69
N LYS C 78 29.10 18.30 -4.53
CA LYS C 78 30.48 18.06 -4.14
C LYS C 78 31.17 19.31 -3.61
N GLU C 79 30.93 20.47 -4.23
CA GLU C 79 31.65 21.68 -3.88
C GLU C 79 30.68 22.85 -3.77
N GLY C 80 30.75 23.56 -2.65
CA GLY C 80 29.89 24.70 -2.41
C GLY C 80 28.78 24.38 -1.44
N THR C 81 27.72 25.18 -1.53
CA THR C 81 26.56 25.02 -0.66
C THR C 81 25.29 25.24 -1.47
N THR C 82 24.22 24.62 -0.98
CA THR C 82 22.88 24.84 -1.50
C THR C 82 21.96 24.97 -0.30
N ASP C 83 20.75 25.49 -0.54
CA ASP C 83 19.69 25.35 0.44
C ASP C 83 18.56 24.45 -0.06
N ALA C 84 18.83 23.66 -1.09
CA ALA C 84 17.83 22.76 -1.66
C ALA C 84 18.10 21.31 -1.29
N ASN C 85 18.74 21.08 -0.15
CA ASN C 85 19.21 19.75 0.21
C ASN C 85 18.49 19.19 1.44
N VAL C 86 17.30 19.68 1.73
CA VAL C 86 16.51 19.18 2.85
C VAL C 86 15.26 18.51 2.29
N TRP C 87 14.95 17.32 2.80
CA TRP C 87 13.93 16.46 2.20
C TRP C 87 12.96 16.01 3.27
N LYS C 88 11.67 16.14 2.96
CA LYS C 88 10.59 15.68 3.83
C LYS C 88 10.28 14.22 3.48
N VAL C 89 10.46 13.32 4.44
CA VAL C 89 10.25 11.88 4.26
C VAL C 89 9.10 11.46 5.16
N GLU C 90 8.00 11.00 4.56
CA GLU C 90 6.77 10.71 5.33
C GLU C 90 6.27 9.30 5.06
N GLN C 91 5.80 8.60 6.10
CA GLN C 91 5.41 7.18 5.96
C GLN C 91 4.01 6.94 5.39
N LYS C 92 3.88 6.03 4.43
CA LYS C 92 2.57 5.59 3.92
C LYS C 92 2.64 4.07 3.83
N MET C 93 1.98 3.38 4.75
CA MET C 93 1.99 1.89 4.81
C MET C 93 3.37 1.44 5.27
N ALA C 94 4.06 0.65 4.46
CA ALA C 94 5.45 0.25 4.81
C ALA C 94 6.39 1.01 3.88
N LEU C 95 5.82 1.93 3.10
CA LEU C 95 6.63 2.73 2.14
C LEU C 95 6.73 4.19 2.61
N TYR C 96 7.37 5.06 1.81
CA TYR C 96 7.56 6.47 2.12
C TYR C 96 7.46 7.30 0.85
N TRP C 97 6.91 8.50 0.96
CA TRP C 97 7.07 9.49 -0.11
C TRP C 97 8.04 10.56 0.35
N ILE C 98 8.65 11.21 -0.63
CA ILE C 98 9.78 12.09 -0.38
C ILE C 98 9.52 13.37 -1.14
N SER C 99 9.67 14.51 -0.45
CA SER C 99 9.42 15.82 -1.02
C SER C 99 10.60 16.73 -0.72
N ASN C 100 10.97 17.54 -1.69
CA ASN C 100 12.00 18.54 -1.47
C ASN C 100 11.40 19.70 -0.69
N VAL C 101 12.06 20.08 0.39
CA VAL C 101 11.49 21.14 1.21
C VAL C 101 11.55 22.48 0.48
N LYS C 102 12.64 22.76 -0.21
CA LYS C 102 12.76 24.10 -0.84
C LYS C 102 11.68 24.37 -1.89
N TYR C 103 11.41 23.46 -2.82
CA TYR C 103 10.55 23.78 -3.96
C TYR C 103 9.23 23.04 -3.88
N GLN C 104 9.07 22.38 -2.75
CA GLN C 104 7.85 21.56 -2.56
C GLN C 104 7.49 20.63 -3.71
N GLU C 105 8.36 19.69 -4.03
CA GLU C 105 8.03 18.83 -5.18
C GLU C 105 8.40 17.41 -4.79
N CYS C 106 7.67 16.47 -5.29
CA CYS C 106 7.80 15.07 -4.98
C CYS C 106 9.05 14.54 -5.59
N LEU C 107 9.84 13.80 -4.81
CA LEU C 107 11.00 13.14 -5.39
C LEU C 107 10.54 11.87 -6.11
N VAL C 108 11.06 11.68 -7.32
CA VAL C 108 10.52 10.69 -8.23
C VAL C 108 11.63 10.21 -9.16
N ILE C 109 11.51 8.98 -9.64
CA ILE C 109 12.32 8.49 -10.76
C ILE C 109 11.41 8.43 -11.98
N SER C 110 11.62 9.36 -12.91
CA SER C 110 10.67 9.65 -13.97
C SER C 110 11.28 9.38 -15.34
N GLY C 111 10.41 8.93 -16.26
CA GLY C 111 10.79 8.85 -17.66
C GLY C 111 11.70 7.69 -17.90
N SER C 112 12.84 7.98 -18.54
CA SER C 112 13.87 6.97 -18.77
C SER C 112 14.94 7.07 -17.67
N ASP C 113 14.51 6.69 -16.45
CA ASP C 113 15.40 6.57 -15.30
C ASP C 113 16.03 7.91 -14.91
N HIS C 114 15.30 9.01 -15.10
CA HIS C 114 15.68 10.31 -14.58
C HIS C 114 15.23 10.48 -13.12
N VAL C 115 16.17 10.75 -12.23
CA VAL C 115 15.87 11.20 -10.87
C VAL C 115 15.56 12.69 -10.91
N VAL C 116 14.30 13.06 -10.59
CA VAL C 116 13.86 14.46 -10.59
C VAL C 116 12.85 14.67 -9.47
N THR C 117 12.46 15.93 -9.26
CA THR C 117 11.27 16.28 -8.50
C THR C 117 10.22 16.90 -9.40
N LYS C 118 8.96 16.64 -9.08
CA LYS C 118 7.84 17.15 -9.86
C LYS C 118 6.77 17.69 -8.93
N LYS C 119 6.19 18.82 -9.32
CA LYS C 119 5.04 19.34 -8.60
C LYS C 119 3.87 18.40 -8.79
N MET C 120 3.22 18.02 -7.68
CA MET C 120 2.08 17.12 -7.71
C MET C 120 1.12 17.53 -6.62
N ASP C 121 -0.15 17.17 -6.82
CA ASP C 121 -1.15 17.44 -5.80
C ASP C 121 -0.82 16.70 -4.51
N SER C 122 -0.34 15.48 -4.63
CA SER C 122 0.20 14.75 -3.49
C SER C 122 1.31 13.84 -4.00
N CYS C 123 2.21 13.46 -3.10
CA CYS C 123 3.21 12.43 -3.41
C CYS C 123 2.73 11.03 -3.08
N GLY C 124 1.49 10.91 -2.57
CA GLY C 124 1.00 9.67 -2.00
C GLY C 124 0.91 8.49 -2.94
N ASP C 125 1.05 8.71 -4.25
CA ASP C 125 1.08 7.62 -5.22
C ASP C 125 2.48 7.31 -5.72
N ASP C 126 3.49 8.04 -5.26
CA ASP C 126 4.84 7.91 -5.80
C ASP C 126 5.76 7.58 -4.65
N LEU C 127 5.81 6.29 -4.32
CA LEU C 127 6.35 5.86 -3.04
C LEU C 127 7.72 5.21 -3.21
N TRP C 128 8.44 5.20 -2.10
CA TRP C 128 9.81 4.70 -2.04
C TRP C 128 9.93 3.58 -1.01
N GLU C 129 10.73 2.59 -1.35
CA GLU C 129 11.07 1.52 -0.41
C GLU C 129 12.41 1.91 0.23
N ILE C 130 12.44 2.13 1.53
CA ILE C 130 13.70 2.51 2.22
C ILE C 130 14.12 1.33 3.10
N GLN C 131 15.12 0.59 2.67
CA GLN C 131 15.48 -0.56 3.49
C GLN C 131 16.86 -0.38 4.12
N PRO C 132 16.97 -0.60 5.43
CA PRO C 132 18.23 -0.47 6.11
C PRO C 132 19.25 -1.51 5.66
N VAL C 133 20.51 -1.13 5.68
CA VAL C 133 21.60 -2.08 5.40
C VAL C 133 22.20 -2.44 6.77
N SER C 134 23.50 -2.72 6.80
CA SER C 134 24.24 -3.14 7.99
C SER C 134 25.71 -3.26 7.60
N ASN C 135 26.60 -3.10 8.58
CA ASN C 135 28.08 -3.14 8.34
C ASN C 135 28.38 -2.10 7.28
N CYS C 136 27.73 -0.95 7.39
CA CYS C 136 27.96 0.11 6.40
C CYS C 136 29.11 0.98 6.87
N LEU C 137 30.06 1.19 5.97
CA LEU C 137 31.23 2.04 6.23
C LEU C 137 30.91 3.41 5.66
N ILE C 138 30.25 4.24 6.44
CA ILE C 138 29.95 5.62 6.01
C ILE C 138 31.29 6.31 5.82
N VAL C 139 31.69 6.63 4.59
CA VAL C 139 33.01 7.27 4.35
C VAL C 139 32.88 8.79 4.34
N ASP D 2 -9.17 -2.05 18.38
CA ASP D 2 -10.26 -1.07 18.34
C ASP D 2 -9.82 0.22 17.63
N VAL D 3 -10.72 1.21 17.54
CA VAL D 3 -10.34 2.56 17.14
C VAL D 3 -9.84 3.27 18.39
N PRO D 4 -8.70 3.95 18.34
CA PRO D 4 -8.17 4.57 19.56
C PRO D 4 -9.02 5.76 19.99
N THR D 5 -9.22 5.90 21.31
CA THR D 5 -10.02 6.96 21.89
C THR D 5 -9.19 7.73 22.91
N GLY D 6 -9.68 8.92 23.26
CA GLY D 6 -8.90 9.84 24.06
C GLY D 6 -7.96 10.66 23.20
N CYS D 7 -6.87 11.12 23.78
CA CYS D 7 -5.96 12.08 23.15
C CYS D 7 -5.19 11.45 21.98
N VAL D 8 -5.28 12.08 20.82
CA VAL D 8 -4.67 11.51 19.59
C VAL D 8 -4.18 12.60 18.65
N THR D 9 -3.29 12.21 17.75
CA THR D 9 -2.92 13.05 16.60
C THR D 9 -3.68 12.46 15.40
N LEU D 10 -4.05 13.32 14.47
N LEU D 10 -4.01 13.28 14.56
CA LEU D 10 -4.80 12.91 13.27
CA LEU D 10 -4.76 12.87 13.35
C LEU D 10 -4.00 13.34 12.06
C LEU D 10 -3.96 13.30 12.14
N LYS D 11 -3.18 12.44 11.54
CA LYS D 11 -2.31 12.81 10.40
C LYS D 11 -2.86 12.26 9.09
N PHE D 12 -3.10 13.14 8.15
CA PHE D 12 -3.52 12.74 6.81
C PHE D 12 -2.30 12.24 6.05
N VAL D 13 -2.26 10.95 5.75
CA VAL D 13 -1.01 10.30 5.33
C VAL D 13 -0.52 10.85 3.99
N ASN D 14 -1.45 11.18 3.08
CA ASN D 14 -1.04 11.53 1.71
C ASN D 14 -0.21 12.80 1.63
N ASN D 15 -0.30 13.67 2.63
CA ASN D 15 0.43 14.93 2.60
C ASN D 15 1.01 15.28 3.96
N ALA D 16 0.95 14.36 4.92
CA ALA D 16 1.46 14.56 6.28
C ALA D 16 0.91 15.81 6.98
N LYS D 17 -0.24 16.33 6.54
CA LYS D 17 -0.82 17.48 7.22
C LYS D 17 -1.67 17.06 8.41
N HIS D 18 -1.79 17.94 9.39
CA HIS D 18 -2.69 17.73 10.52
C HIS D 18 -3.82 18.73 10.44
N ILE D 19 -4.90 18.43 11.15
CA ILE D 19 -6.02 19.40 11.23
C ILE D 19 -5.59 20.52 12.17
N ASN D 20 -5.39 21.71 11.66
CA ASN D 20 -4.96 22.83 12.52
C ASN D 20 -6.12 23.82 12.65
N MET D 21 -6.03 24.71 13.63
CA MET D 21 -7.15 25.64 13.85
C MET D 21 -6.68 27.07 14.07
N TRP D 22 -7.58 28.01 13.82
CA TRP D 22 -7.40 29.38 14.29
C TRP D 22 -7.38 29.44 15.82
N ASP D 23 -6.69 30.40 16.38
CA ASP D 23 -6.61 30.55 17.85
C ASP D 23 -7.81 31.37 18.33
N LYS D 24 -8.41 32.12 17.44
CA LYS D 24 -9.56 32.98 17.83
C LYS D 24 -10.81 32.54 17.07
N THR D 25 -11.93 32.54 17.74
CA THR D 25 -13.22 32.14 17.13
C THR D 25 -13.72 33.29 16.28
N VAL D 26 -14.41 32.97 15.20
CA VAL D 26 -14.97 34.08 14.40
C VAL D 26 -16.35 34.41 14.97
N LEU D 27 -17.30 33.56 14.67
CA LEU D 27 -18.65 33.79 15.22
C LEU D 27 -18.97 32.60 16.11
N HIS D 28 -19.71 31.65 15.58
CA HIS D 28 -20.14 30.46 16.34
C HIS D 28 -19.22 29.30 16.02
N TYR D 29 -18.19 29.54 15.21
CA TYR D 29 -17.37 28.44 14.76
C TYR D 29 -15.89 28.80 14.83
N ARG D 30 -15.05 27.78 14.90
CA ARG D 30 -13.61 27.93 14.76
C ARG D 30 -13.17 27.37 13.41
N LYS D 31 -12.42 28.16 12.66
CA LYS D 31 -11.97 27.76 11.35
C LYS D 31 -10.81 26.77 11.45
N LEU D 32 -10.74 25.87 10.47
CA LEU D 32 -9.71 24.83 10.46
C LEU D 32 -8.96 24.87 9.14
N TYR D 33 -7.71 24.38 9.16
CA TYR D 33 -6.94 24.26 7.94
C TYR D 33 -5.90 23.18 8.11
N GLY D 34 -5.42 22.68 6.97
CA GLY D 34 -4.31 21.74 6.98
C GLY D 34 -3.00 22.46 7.24
N GLY D 35 -2.27 22.00 8.26
CA GLY D 35 -1.01 22.61 8.64
C GLY D 35 -0.06 21.58 9.22
N ASP D 36 1.08 22.02 9.78
CA ASP D 36 2.13 21.10 10.20
C ASP D 36 2.32 21.05 11.70
N GLU D 37 1.53 21.77 12.49
CA GLU D 37 1.60 21.58 13.94
C GLU D 37 0.93 20.26 14.30
N LYS D 38 1.53 19.52 15.22
CA LYS D 38 1.03 18.19 15.60
C LYS D 38 -0.08 18.37 16.64
N GLU D 39 -1.21 18.87 16.17
CA GLU D 39 -2.33 19.25 17.00
C GLU D 39 -2.95 18.04 17.70
N GLU D 40 -3.33 18.22 18.95
CA GLU D 40 -3.82 17.12 19.78
C GLU D 40 -5.35 17.18 19.86
N TRP D 41 -5.99 16.16 19.28
CA TRP D 41 -7.43 16.01 19.24
C TRP D 41 -7.86 14.92 20.22
N VAL D 42 -9.17 14.79 20.40
CA VAL D 42 -9.74 13.85 21.36
C VAL D 42 -10.84 13.08 20.65
N ILE D 43 -10.73 11.77 20.62
CA ILE D 43 -11.78 10.94 20.05
C ILE D 43 -12.64 10.44 21.19
N GLU D 44 -13.94 10.69 21.09
CA GLU D 44 -14.92 10.22 22.05
C GLU D 44 -15.88 9.28 21.34
N LYS D 45 -16.15 8.13 21.97
CA LYS D 45 -17.13 7.21 21.41
C LYS D 45 -18.51 7.86 21.41
N SER D 46 -19.29 7.53 20.38
CA SER D 46 -20.64 8.08 20.24
C SER D 46 -21.44 7.02 19.49
N GLY D 47 -22.26 6.27 20.24
CA GLY D 47 -22.90 5.13 19.63
C GLY D 47 -21.86 4.20 19.05
N ASN D 48 -22.06 3.79 17.80
CA ASN D 48 -21.06 2.98 17.13
C ASN D 48 -20.01 3.83 16.41
N ASP D 49 -20.19 5.15 16.40
CA ASP D 49 -19.34 6.09 15.71
C ASP D 49 -18.62 6.99 16.74
N TYR D 50 -18.20 8.18 16.33
CA TYR D 50 -17.26 8.96 17.14
C TYR D 50 -17.50 10.45 16.96
N LYS D 51 -17.17 11.21 18.00
CA LYS D 51 -17.15 12.67 17.94
C LYS D 51 -15.73 13.13 18.21
N ILE D 52 -15.35 14.25 17.61
CA ILE D 52 -13.96 14.69 17.61
C ILE D 52 -13.92 16.13 18.06
N ARG D 53 -13.00 16.47 18.94
CA ARG D 53 -12.91 17.83 19.47
C ARG D 53 -11.46 18.11 19.83
N PRO D 54 -11.05 19.38 19.82
CA PRO D 54 -9.68 19.71 20.26
C PRO D 54 -9.43 19.30 21.71
N ARG D 55 -8.16 19.13 22.04
CA ARG D 55 -7.77 18.85 23.43
C ARG D 55 -8.18 19.99 24.36
N ILE D 56 -8.02 21.22 23.90
CA ILE D 56 -8.31 22.41 24.76
C ILE D 56 -9.73 22.94 24.53
N TYR D 57 -10.35 22.67 23.40
CA TYR D 57 -11.70 23.24 23.25
C TYR D 57 -12.76 22.16 23.33
N THR D 58 -13.87 22.48 23.97
CA THR D 58 -15.08 21.62 23.97
C THR D 58 -15.96 22.08 22.80
N GLU D 59 -15.43 21.97 21.59
CA GLU D 59 -16.04 22.33 20.29
C GLU D 59 -15.86 21.10 19.39
N TYR D 60 -16.96 20.50 18.99
CA TYR D 60 -16.87 19.28 18.20
C TYR D 60 -16.71 19.59 16.72
N LEU D 61 -15.85 18.81 16.09
CA LEU D 61 -15.70 18.79 14.64
C LEU D 61 -17.03 18.51 13.95
N TYR D 62 -17.43 19.40 13.05
CA TYR D 62 -18.65 19.18 12.27
C TYR D 62 -18.44 19.59 10.83
N ALA D 63 -19.33 19.10 9.97
CA ALA D 63 -19.36 19.46 8.56
C ALA D 63 -20.39 20.56 8.34
N GLU D 64 -20.07 21.49 7.43
CA GLU D 64 -20.97 22.58 7.12
C GLU D 64 -22.10 22.09 6.22
N SER D 65 -23.17 22.89 6.15
CA SER D 65 -24.36 22.47 5.42
C SER D 65 -24.25 22.74 3.91
N LYS D 66 -23.45 23.73 3.51
CA LYS D 66 -23.24 24.03 2.11
C LYS D 66 -22.06 23.21 1.56
N THR D 67 -21.70 23.44 0.29
CA THR D 67 -20.59 22.71 -0.34
C THR D 67 -19.97 23.63 -1.38
N ASP D 68 -18.86 24.26 -1.05
CA ASP D 68 -18.23 25.12 -2.02
C ASP D 68 -17.48 24.28 -3.06
N ASP D 69 -16.80 24.96 -3.98
CA ASP D 69 -15.97 24.27 -4.95
C ASP D 69 -14.83 23.50 -4.30
N PRO D 70 -14.09 24.04 -3.30
CA PRO D 70 -13.09 23.22 -2.61
C PRO D 70 -13.66 22.05 -1.81
N GLY D 71 -14.97 21.95 -1.67
CA GLY D 71 -15.59 20.91 -0.88
C GLY D 71 -16.38 21.47 0.29
N ARG D 72 -16.90 20.55 1.10
CA ARG D 72 -17.74 20.91 2.24
C ARG D 72 -16.87 21.25 3.45
N ALA D 73 -17.00 22.47 3.96
CA ALA D 73 -16.11 22.94 5.02
C ALA D 73 -16.31 22.16 6.32
N VAL D 74 -15.21 21.96 7.04
CA VAL D 74 -15.23 21.28 8.32
C VAL D 74 -14.65 22.24 9.35
N LYS D 75 -15.42 22.51 10.40
CA LYS D 75 -15.04 23.43 11.46
C LYS D 75 -15.26 22.73 12.79
N THR D 76 -15.10 23.48 13.88
CA THR D 76 -15.47 23.04 15.24
C THR D 76 -16.52 24.03 15.76
N LEU D 77 -17.49 23.59 16.56
CA LEU D 77 -18.60 24.48 16.96
C LEU D 77 -18.47 25.04 18.38
N LYS D 78 -18.37 26.35 18.49
CA LYS D 78 -18.22 27.02 19.79
C LYS D 78 -19.59 27.42 20.34
N GLU D 79 -20.58 27.63 19.48
CA GLU D 79 -21.93 28.09 19.92
C GLU D 79 -23.01 27.46 19.05
N GLY D 80 -24.10 27.03 19.68
CA GLY D 80 -25.22 26.44 18.95
C GLY D 80 -25.24 24.93 18.94
N THR D 81 -25.98 24.37 18.00
CA THR D 81 -26.13 22.91 17.85
C THR D 81 -25.96 22.48 16.40
N THR D 82 -25.41 21.29 16.18
CA THR D 82 -25.27 20.73 14.81
C THR D 82 -25.61 19.24 14.84
N ASP D 83 -26.05 18.67 13.73
CA ASP D 83 -26.26 17.21 13.69
C ASP D 83 -25.19 16.61 12.75
N ALA D 84 -24.09 17.33 12.54
CA ALA D 84 -23.04 16.86 11.60
C ALA D 84 -21.74 16.62 12.34
N ASN D 85 -21.82 16.33 13.63
CA ASN D 85 -20.61 16.18 14.47
C ASN D 85 -20.32 14.71 14.75
N VAL D 86 -21.03 13.82 14.08
CA VAL D 86 -20.77 12.40 14.28
C VAL D 86 -19.98 11.90 13.10
N TRP D 87 -18.92 11.15 13.36
CA TRP D 87 -17.99 10.68 12.34
C TRP D 87 -17.79 9.18 12.44
N LYS D 88 -17.76 8.53 11.29
CA LYS D 88 -17.40 7.12 11.20
C LYS D 88 -15.89 6.99 11.00
N VAL D 89 -15.27 6.09 11.74
CA VAL D 89 -13.83 5.83 11.65
C VAL D 89 -13.69 4.32 11.55
N GLU D 90 -13.15 3.85 10.43
CA GLU D 90 -12.92 2.40 10.19
C GLU D 90 -11.45 2.14 9.93
N GLN D 91 -10.97 0.99 10.39
CA GLN D 91 -9.55 0.60 10.28
C GLN D 91 -9.28 0.10 8.86
N LYS D 92 -8.09 0.39 8.36
CA LYS D 92 -7.60 -0.09 7.05
C LYS D 92 -6.10 -0.23 7.24
N MET D 93 -5.60 -1.45 7.20
CA MET D 93 -4.18 -1.81 7.51
C MET D 93 -3.95 -1.24 8.91
N ALA D 94 -2.90 -0.46 9.08
CA ALA D 94 -2.75 0.19 10.37
C ALA D 94 -3.14 1.67 10.31
N LEU D 95 -3.94 2.05 9.32
CA LEU D 95 -4.45 3.41 9.21
C LEU D 95 -5.97 3.41 9.36
N TYR D 96 -6.58 4.55 9.02
CA TYR D 96 -8.01 4.73 9.22
C TYR D 96 -8.51 5.70 8.17
N TRP D 97 -9.74 5.48 7.69
CA TRP D 97 -10.46 6.53 6.98
C TRP D 97 -11.55 7.05 7.89
N ILE D 98 -12.06 8.23 7.54
CA ILE D 98 -12.99 8.96 8.41
C ILE D 98 -14.07 9.54 7.53
N SER D 99 -15.34 9.37 7.92
CA SER D 99 -16.43 9.91 7.14
C SER D 99 -17.47 10.56 8.04
N ASN D 100 -18.05 11.64 7.53
CA ASN D 100 -19.14 12.33 8.21
C ASN D 100 -20.43 11.55 8.00
N VAL D 101 -20.98 11.01 9.09
CA VAL D 101 -22.14 10.11 9.01
C VAL D 101 -23.34 10.80 8.36
N LYS D 102 -23.56 12.07 8.65
CA LYS D 102 -24.71 12.74 8.05
C LYS D 102 -24.61 12.86 6.53
N TYR D 103 -23.66 13.65 6.03
CA TYR D 103 -23.56 13.88 4.59
C TYR D 103 -22.89 12.73 3.84
N GLN D 104 -22.48 11.67 4.53
CA GLN D 104 -21.80 10.52 3.93
C GLN D 104 -20.68 10.99 3.01
N GLU D 105 -19.68 11.64 3.61
CA GLU D 105 -18.52 12.20 2.86
C GLU D 105 -17.24 11.91 3.64
N CYS D 106 -16.14 11.71 2.92
CA CYS D 106 -14.85 11.42 3.55
C CYS D 106 -14.18 12.69 4.06
N LEU D 107 -13.65 12.61 5.26
CA LEU D 107 -12.91 13.77 5.79
C LEU D 107 -11.55 13.69 5.12
N VAL D 108 -10.99 14.85 4.78
CA VAL D 108 -9.77 14.86 3.95
C VAL D 108 -9.10 16.22 4.07
N ILE D 109 -7.80 16.24 3.87
CA ILE D 109 -7.05 17.49 3.76
C ILE D 109 -6.54 17.57 2.32
N SER D 110 -7.07 18.51 1.56
CA SER D 110 -6.73 18.66 0.15
C SER D 110 -5.27 19.06 -0.03
N GLY D 111 -4.82 18.99 -1.28
CA GLY D 111 -3.54 19.59 -1.62
C GLY D 111 -3.52 21.10 -1.47
N SER D 112 -4.67 21.73 -1.23
CA SER D 112 -4.73 23.16 -0.95
C SER D 112 -4.83 23.47 0.53
N ASP D 113 -4.60 22.45 1.36
CA ASP D 113 -4.68 22.50 2.85
C ASP D 113 -6.10 22.79 3.32
N HIS D 114 -7.11 22.47 2.54
CA HIS D 114 -8.50 22.69 3.04
C HIS D 114 -8.95 21.45 3.81
N VAL D 115 -9.44 21.66 5.02
CA VAL D 115 -10.02 20.55 5.83
C VAL D 115 -11.47 20.52 5.41
N VAL D 116 -11.84 19.52 4.65
CA VAL D 116 -13.17 19.46 4.07
C VAL D 116 -13.61 18.00 4.01
N THR D 117 -14.89 17.83 3.74
CA THR D 117 -15.42 16.51 3.41
C THR D 117 -15.76 16.56 1.93
N LYS D 118 -15.47 15.49 1.23
CA LYS D 118 -15.77 15.40 -0.20
C LYS D 118 -16.60 14.14 -0.44
N LYS D 119 -17.58 14.22 -1.32
CA LYS D 119 -18.43 13.05 -1.70
C LYS D 119 -17.62 12.12 -2.59
N MET D 120 -16.67 11.42 -2.02
CA MET D 120 -15.82 10.51 -2.79
C MET D 120 -16.49 9.14 -2.90
N ASP D 121 -16.11 8.37 -3.90
CA ASP D 121 -16.68 7.03 -4.09
C ASP D 121 -16.26 6.21 -2.89
N SER D 122 -15.00 6.30 -2.54
CA SER D 122 -14.48 5.63 -1.35
C SER D 122 -13.56 6.57 -0.60
N CYS D 123 -13.42 6.33 0.71
CA CYS D 123 -12.39 6.99 1.50
C CYS D 123 -11.15 6.12 1.66
N GLY D 124 -11.06 5.02 0.91
CA GLY D 124 -10.00 4.05 1.11
C GLY D 124 -8.63 4.54 0.70
N ASP D 125 -8.57 5.50 -0.21
CA ASP D 125 -7.29 6.05 -0.66
C ASP D 125 -6.85 7.28 0.12
N ASP D 126 -7.70 7.80 1.02
CA ASP D 126 -7.42 8.99 1.81
C ASP D 126 -7.37 8.63 3.28
N LEU D 127 -6.26 8.05 3.72
CA LEU D 127 -6.21 7.47 5.05
C LEU D 127 -5.52 8.38 6.06
N TRP D 128 -5.89 8.18 7.31
CA TRP D 128 -5.40 8.95 8.43
C TRP D 128 -4.57 8.04 9.33
N GLU D 129 -3.51 8.62 9.91
CA GLU D 129 -2.74 7.95 10.93
C GLU D 129 -3.16 8.52 12.28
N ILE D 130 -3.79 7.66 13.06
CA ILE D 130 -4.30 8.05 14.40
C ILE D 130 -3.40 7.45 15.48
N GLN D 131 -2.64 8.28 16.15
CA GLN D 131 -1.68 7.81 17.17
C GLN D 131 -2.03 8.36 18.54
N PRO D 132 -2.06 7.52 19.58
CA PRO D 132 -2.31 7.94 20.93
C PRO D 132 -1.20 8.90 21.37
N VAL D 133 -1.61 9.96 22.04
CA VAL D 133 -0.66 10.97 22.55
C VAL D 133 -0.66 10.85 24.07
N SER D 134 0.50 10.67 24.66
CA SER D 134 0.59 10.57 26.15
C SER D 134 0.92 11.94 26.75
N ASN D 135 0.81 12.05 28.07
CA ASN D 135 1.04 13.32 28.80
C ASN D 135 0.06 14.36 28.24
N CYS D 136 -1.20 13.96 28.15
CA CYS D 136 -2.23 14.85 27.61
C CYS D 136 -3.21 15.23 28.69
N LEU D 137 -3.41 16.52 28.88
CA LEU D 137 -4.46 17.01 29.79
C LEU D 137 -5.67 17.36 28.91
N ILE D 138 -6.74 16.61 29.03
CA ILE D 138 -7.96 16.95 28.29
C ILE D 138 -8.70 18.03 29.06
N VAL D 139 -8.95 19.16 28.41
CA VAL D 139 -9.74 20.20 29.05
C VAL D 139 -11.21 19.76 29.06
N GLY D 140 -11.78 19.67 30.26
CA GLY D 140 -13.17 19.34 30.42
C GLY D 140 -13.47 17.97 29.89
N LYS D 141 -12.75 16.98 30.41
CA LYS D 141 -12.86 15.61 29.95
C LYS D 141 -14.29 15.10 30.12
N LYS D 142 -14.80 14.46 29.08
CA LYS D 142 -16.21 14.10 29.01
C LYS D 142 -16.43 12.72 28.42
#